data_3GZ1
#
_entry.id   3GZ1
#
_cell.length_a   73.310
_cell.length_b   97.090
_cell.length_c   106.530
_cell.angle_alpha   90.00
_cell.angle_beta   90.00
_cell.angle_gamma   90.00
#
_symmetry.space_group_name_H-M   'C 2 2 21'
#
loop_
_entity.id
_entity.type
_entity.pdbx_description
1 polymer 'Chaperone protein ipgC'
2 polymer 'Invasin ipaB'
3 non-polymer GLYCEROL
4 water water
#
loop_
_entity_poly.entity_id
_entity_poly.type
_entity_poly.pdbx_seq_one_letter_code
_entity_poly.pdbx_strand_id
1 'polypeptide(L)'
;GSLNITENESISTAVIDAINSGATLKDINAIPDDMMDDIYSYAYDFYNKGRIEEAEVFFRFLCIYDFYNVDYIMGLAAIY
QIKEQFQQAADLYAVAFALGKNDYTPVFHTGQCQLRLKAPLKAKECFELVIQHSNDEKLKIKAQSYLDAIQ
;
A,B
2 'polypeptide(L)' INTTNAHSTSNILIPELKAPKS P,Q
#
loop_
_chem_comp.id
_chem_comp.type
_chem_comp.name
_chem_comp.formula
GOL non-polymer GLYCEROL 'C3 H8 O3'
#
# COMPACT_ATOMS: atom_id res chain seq x y z
N ASN A 8 -15.80 13.39 -14.11
CA ASN A 8 -14.85 12.49 -13.38
C ASN A 8 -13.97 13.12 -12.30
N GLU A 9 -13.79 14.44 -12.43
CA GLU A 9 -12.74 15.16 -11.71
C GLU A 9 -12.86 15.28 -10.19
N SER A 10 -14.05 15.48 -9.66
CA SER A 10 -14.10 15.63 -8.22
C SER A 10 -13.96 14.31 -7.43
N ILE A 11 -14.30 13.16 -8.04
CA ILE A 11 -13.96 11.83 -7.47
C ILE A 11 -12.44 11.65 -7.35
N SER A 12 -11.71 11.99 -8.41
CA SER A 12 -10.28 11.97 -8.46
C SER A 12 -9.69 12.71 -7.31
N THR A 13 -10.20 13.91 -7.09
CA THR A 13 -9.53 14.83 -6.18
C THR A 13 -9.99 14.62 -4.73
N ALA A 14 -11.20 14.10 -4.55
CA ALA A 14 -11.69 13.71 -3.26
C ALA A 14 -10.78 12.60 -2.71
N VAL A 15 -10.56 11.58 -3.53
CA VAL A 15 -9.59 10.55 -3.20
C VAL A 15 -8.24 11.14 -2.76
N ILE A 16 -7.64 11.99 -3.60
CA ILE A 16 -6.31 12.51 -3.35
C ILE A 16 -6.27 13.35 -2.09
N ASP A 17 -7.34 14.12 -1.90
CA ASP A 17 -7.49 14.96 -0.75
C ASP A 17 -7.49 14.18 0.52
N ALA A 18 -8.04 12.97 0.48
CA ALA A 18 -8.22 12.19 1.68
C ALA A 18 -6.93 11.52 2.06
N ILE A 19 -6.16 11.12 1.06
CA ILE A 19 -4.84 10.53 1.24
C ILE A 19 -3.84 11.60 1.67
N ASN A 20 -3.88 12.73 0.96
CA ASN A 20 -3.05 13.89 1.26
C ASN A 20 -3.52 14.66 2.53
N SER A 21 -3.95 13.93 3.54
CA SER A 21 -4.13 14.46 4.90
C SER A 21 -4.07 13.25 5.83
N GLY A 22 -4.12 12.06 5.21
CA GLY A 22 -3.95 10.81 5.90
C GLY A 22 -2.47 10.48 5.95
N ALA A 23 -1.64 11.41 5.46
CA ALA A 23 -0.21 11.40 5.73
C ALA A 23 0.05 11.39 7.27
N THR A 24 0.25 10.19 7.83
CA THR A 24 0.44 10.03 9.29
C THR A 24 1.90 9.89 9.79
N LEU A 25 2.53 11.03 10.12
CA LEU A 25 3.77 11.17 10.98
C LEU A 25 5.11 11.59 10.27
N LYS A 26 5.40 11.01 9.10
CA LYS A 26 6.77 10.88 8.51
C LYS A 26 7.71 10.05 9.41
N ASP A 27 7.12 9.46 10.46
CA ASP A 27 7.73 8.52 11.40
C ASP A 27 8.93 9.05 12.22
N ILE A 28 9.79 9.91 11.63
CA ILE A 28 11.13 10.19 12.20
C ILE A 28 11.20 10.93 13.56
N ASN A 29 10.11 10.93 14.34
CA ASN A 29 10.08 11.58 15.67
C ASN A 29 11.11 12.74 15.89
N ALA A 30 10.82 13.92 15.35
CA ALA A 30 11.76 15.06 15.34
C ALA A 30 13.23 14.76 15.68
N ILE A 31 13.79 13.69 15.10
CA ILE A 31 15.25 13.35 15.15
C ILE A 31 15.96 13.61 13.82
N PRO A 32 16.25 14.90 13.58
CA PRO A 32 16.59 15.62 12.38
C PRO A 32 17.33 14.83 11.33
N ASP A 33 16.72 14.78 10.16
CA ASP A 33 17.37 14.43 8.89
C ASP A 33 18.91 14.05 8.85
N ASP A 34 19.90 14.92 8.49
CA ASP A 34 21.32 14.43 8.19
C ASP A 34 21.98 13.47 9.21
N MET A 35 21.32 13.32 10.36
CA MET A 35 21.60 12.33 11.40
C MET A 35 21.21 10.91 10.89
N MET A 36 19.99 10.83 10.37
CA MET A 36 19.50 9.69 9.64
C MET A 36 20.52 9.27 8.61
N ASP A 37 21.03 10.26 7.88
CA ASP A 37 22.08 10.06 6.89
C ASP A 37 23.30 9.33 7.43
N ASP A 38 23.73 9.68 8.62
CA ASP A 38 24.94 9.08 9.11
C ASP A 38 24.75 7.61 9.46
N ILE A 39 23.63 7.35 10.07
CA ILE A 39 23.19 5.99 10.40
C ILE A 39 23.04 5.20 9.11
N TYR A 40 22.32 5.75 8.15
CA TYR A 40 22.28 5.18 6.83
C TYR A 40 23.69 4.85 6.29
N SER A 41 24.63 5.79 6.42
CA SER A 41 25.97 5.58 5.91
C SER A 41 26.72 4.41 6.57
N TYR A 42 26.65 4.27 7.89
CA TYR A 42 27.23 3.05 8.44
C TYR A 42 26.49 1.79 8.09
N ALA A 43 25.17 1.88 7.95
CA ALA A 43 24.39 0.70 7.64
C ALA A 43 25.02 0.29 6.32
N TYR A 44 25.15 1.27 5.43
CA TYR A 44 25.77 1.07 4.13
C TYR A 44 27.19 0.48 4.25
N ASP A 45 28.03 1.09 5.09
CA ASP A 45 29.41 0.61 5.27
C ASP A 45 29.51 -0.75 5.94
N PHE A 46 28.62 -1.04 6.86
CA PHE A 46 28.55 -2.38 7.42
C PHE A 46 28.15 -3.40 6.35
N TYR A 47 27.18 -3.03 5.52
CA TYR A 47 26.67 -3.89 4.47
C TYR A 47 27.77 -4.21 3.46
N ASN A 48 28.38 -3.16 2.90
CA ASN A 48 29.39 -3.38 1.85
C ASN A 48 30.57 -4.13 2.39
N LYS A 49 30.74 -4.09 3.69
CA LYS A 49 31.84 -4.77 4.33
C LYS A 49 31.50 -6.19 4.61
N GLY A 50 30.26 -6.60 4.40
CA GLY A 50 29.83 -7.91 4.88
C GLY A 50 29.60 -8.10 6.39
N ARG A 51 29.49 -7.02 7.17
CA ARG A 51 29.04 -7.17 8.55
C ARG A 51 27.48 -7.08 8.55
N ILE A 52 26.86 -8.18 8.17
CA ILE A 52 25.44 -8.23 7.92
C ILE A 52 24.66 -8.07 9.22
N GLU A 53 25.13 -8.63 10.32
CA GLU A 53 24.34 -8.52 11.57
C GLU A 53 24.18 -7.07 11.98
N GLU A 54 25.24 -6.27 11.90
CA GLU A 54 25.13 -4.86 12.19
C GLU A 54 24.31 -4.13 11.19
N ALA A 55 24.58 -4.35 9.91
CA ALA A 55 23.84 -3.66 8.87
C ALA A 55 22.33 -3.98 9.03
N GLU A 56 21.99 -5.23 9.36
CA GLU A 56 20.62 -5.61 9.62
C GLU A 56 19.99 -4.76 10.79
N VAL A 57 20.73 -4.59 11.90
CA VAL A 57 20.23 -3.73 13.01
C VAL A 57 20.01 -2.30 12.58
N PHE A 58 20.96 -1.72 11.85
CA PHE A 58 20.85 -0.35 11.41
C PHE A 58 19.65 -0.15 10.47
N PHE A 59 19.49 -1.04 9.49
CA PHE A 59 18.40 -0.85 8.57
C PHE A 59 17.09 -1.05 9.27
N ARG A 60 17.02 -2.01 10.19
CA ARG A 60 15.73 -2.21 10.87
C ARG A 60 15.39 -1.02 11.72
N PHE A 61 16.44 -0.43 12.26
CA PHE A 61 16.25 0.70 13.14
C PHE A 61 15.77 1.86 12.30
N LEU A 62 16.41 2.07 11.15
CA LEU A 62 15.95 3.12 10.24
C LEU A 62 14.52 2.88 9.68
N CYS A 63 14.16 1.62 9.35
CA CYS A 63 12.82 1.33 8.86
C CYS A 63 11.77 1.50 9.94
N ILE A 64 12.21 1.34 11.16
CA ILE A 64 11.26 1.58 12.24
C ILE A 64 11.02 3.08 12.34
N TYR A 65 12.07 3.86 12.26
CA TYR A 65 11.95 5.26 12.29
C TYR A 65 11.31 5.92 11.10
N ASP A 66 11.41 5.35 9.91
CA ASP A 66 10.82 5.98 8.76
C ASP A 66 10.52 4.91 7.73
N PHE A 67 9.38 4.27 7.92
CA PHE A 67 8.96 3.20 7.04
C PHE A 67 8.77 3.57 5.57
N TYR A 68 8.62 4.84 5.30
CA TYR A 68 8.36 5.34 3.97
C TYR A 68 9.59 5.64 3.14
N ASN A 69 10.81 5.48 3.71
CA ASN A 69 11.97 5.81 2.91
C ASN A 69 12.43 4.57 2.18
N VAL A 70 12.37 4.65 0.86
CA VAL A 70 12.60 3.48 -0.03
C VAL A 70 14.04 2.88 0.13
N ASP A 71 14.99 3.75 0.36
CA ASP A 71 16.39 3.31 0.59
C ASP A 71 16.57 2.44 1.80
N TYR A 72 15.86 2.81 2.87
CA TYR A 72 15.81 1.98 4.09
C TYR A 72 15.21 0.59 3.79
N ILE A 73 14.02 0.57 3.21
CA ILE A 73 13.32 -0.62 2.85
C ILE A 73 14.20 -1.45 1.93
N MET A 74 14.84 -0.79 0.94
CA MET A 74 15.65 -1.50 0.00
C MET A 74 16.90 -2.14 0.70
N GLY A 75 17.51 -1.42 1.65
CA GLY A 75 18.65 -1.97 2.41
C GLY A 75 18.24 -3.16 3.22
N LEU A 76 17.11 -3.08 3.91
CA LEU A 76 16.65 -4.18 4.75
C LEU A 76 16.26 -5.39 3.83
N ALA A 77 15.52 -5.10 2.76
CA ALA A 77 15.16 -6.17 1.78
C ALA A 77 16.45 -6.87 1.28
N ALA A 78 17.50 -6.09 1.08
CA ALA A 78 18.73 -6.65 0.50
C ALA A 78 19.43 -7.58 1.48
N ILE A 79 19.45 -7.15 2.72
CA ILE A 79 19.88 -8.04 3.77
C ILE A 79 19.07 -9.34 3.87
N TYR A 80 17.73 -9.27 3.85
CA TYR A 80 16.98 -10.50 3.97
C TYR A 80 17.32 -11.41 2.75
N GLN A 81 17.55 -10.78 1.59
CA GLN A 81 17.89 -11.49 0.37
C GLN A 81 19.20 -12.25 0.56
N ILE A 82 20.22 -11.52 0.99
CA ILE A 82 21.52 -12.11 1.32
C ILE A 82 21.42 -13.23 2.38
N LYS A 83 20.42 -13.20 3.26
CA LYS A 83 20.25 -14.14 4.37
C LYS A 83 19.33 -15.31 3.91
N GLU A 84 18.92 -15.23 2.67
CA GLU A 84 18.03 -16.20 2.17
C GLU A 84 16.70 -16.25 2.89
N GLN A 85 16.31 -15.13 3.46
CA GLN A 85 14.97 -15.01 3.98
C GLN A 85 14.18 -14.39 2.82
N PHE A 86 13.91 -15.21 1.82
CA PHE A 86 13.45 -14.74 0.56
C PHE A 86 12.00 -14.23 0.55
N GLN A 87 11.14 -14.86 1.34
CA GLN A 87 9.77 -14.36 1.48
C GLN A 87 9.77 -12.95 2.10
N GLN A 88 10.43 -12.80 3.24
CA GLN A 88 10.63 -11.44 3.83
C GLN A 88 11.25 -10.39 2.88
N ALA A 89 12.27 -10.77 2.08
CA ALA A 89 12.88 -9.85 1.10
C ALA A 89 11.77 -9.48 0.12
N ALA A 90 11.05 -10.45 -0.40
CA ALA A 90 10.09 -10.15 -1.48
C ALA A 90 9.00 -9.27 -0.87
N ASP A 91 8.65 -9.51 0.41
CA ASP A 91 7.59 -8.69 1.06
C ASP A 91 7.98 -7.22 1.11
N LEU A 92 9.24 -6.93 1.48
CA LEU A 92 9.77 -5.56 1.47
C LEU A 92 9.94 -4.97 0.14
N TYR A 93 10.39 -5.78 -0.85
CA TYR A 93 10.47 -5.30 -2.23
C TYR A 93 9.08 -4.90 -2.75
N ALA A 94 8.06 -5.64 -2.40
CA ALA A 94 6.70 -5.14 -2.80
C ALA A 94 6.38 -3.78 -2.14
N VAL A 95 6.73 -3.63 -0.86
CA VAL A 95 6.58 -2.33 -0.19
C VAL A 95 7.37 -1.21 -0.91
N ALA A 96 8.68 -1.47 -1.23
CA ALA A 96 9.52 -0.47 -1.91
C ALA A 96 8.89 -0.14 -3.20
N PHE A 97 8.42 -1.17 -3.93
CA PHE A 97 7.68 -0.86 -5.18
C PHE A 97 6.49 0.13 -5.00
N ALA A 98 5.70 -0.11 -3.96
CA ALA A 98 4.48 0.67 -3.69
C ALA A 98 4.78 2.06 -3.15
N LEU A 99 5.95 2.20 -2.53
CA LEU A 99 6.46 3.49 -2.09
C LEU A 99 7.07 4.32 -3.20
N GLY A 100 7.74 3.67 -4.12
CA GLY A 100 9.00 4.22 -4.60
C GLY A 100 8.84 4.49 -6.01
N LYS A 101 7.58 4.77 -6.36
CA LYS A 101 7.08 4.47 -7.71
C LYS A 101 7.58 5.17 -9.00
N ASN A 102 8.50 4.40 -9.58
CA ASN A 102 9.20 4.54 -10.85
C ASN A 102 10.05 3.20 -10.95
N ASP A 103 11.22 3.22 -10.30
CA ASP A 103 12.20 2.14 -10.32
C ASP A 103 11.63 0.68 -10.35
N TYR A 104 12.21 -0.16 -11.21
CA TYR A 104 11.83 -1.56 -11.32
C TYR A 104 12.80 -2.52 -10.68
N THR A 105 13.83 -1.96 -10.06
CA THR A 105 14.78 -2.71 -9.25
C THR A 105 14.11 -3.69 -8.24
N PRO A 106 13.17 -3.17 -7.40
CA PRO A 106 12.57 -4.08 -6.44
C PRO A 106 11.80 -5.20 -7.15
N VAL A 107 11.34 -4.93 -8.37
CA VAL A 107 10.63 -6.01 -9.14
C VAL A 107 11.62 -7.08 -9.69
N PHE A 108 12.79 -6.60 -10.08
CA PHE A 108 13.82 -7.51 -10.55
C PHE A 108 14.27 -8.40 -9.37
N HIS A 109 14.53 -7.79 -8.23
CA HIS A 109 14.94 -8.54 -7.05
C HIS A 109 13.82 -9.45 -6.55
N THR A 110 12.57 -9.10 -6.74
CA THR A 110 11.53 -9.99 -6.37
C THR A 110 11.57 -11.23 -7.27
N GLY A 111 11.84 -11.03 -8.56
CA GLY A 111 12.02 -12.24 -9.45
C GLY A 111 13.11 -13.17 -8.89
N GLN A 112 14.23 -12.57 -8.50
CA GLN A 112 15.25 -13.37 -7.88
C GLN A 112 14.70 -14.14 -6.71
N CYS A 113 13.94 -13.43 -5.85
CA CYS A 113 13.32 -14.12 -4.70
C CYS A 113 12.33 -15.24 -5.04
N GLN A 114 11.43 -14.94 -5.97
CA GLN A 114 10.43 -15.92 -6.31
C GLN A 114 11.07 -17.16 -6.88
N LEU A 115 12.15 -16.93 -7.69
CA LEU A 115 12.97 -18.10 -8.20
C LEU A 115 13.35 -18.99 -7.08
N ARG A 116 13.92 -18.37 -6.04
CA ARG A 116 14.35 -19.08 -4.87
C ARG A 116 13.23 -19.60 -3.98
N LEU A 117 12.02 -19.10 -4.18
CA LEU A 117 10.89 -19.60 -3.42
C LEU A 117 10.16 -20.68 -4.18
N LYS A 118 10.81 -21.29 -5.18
CA LYS A 118 10.16 -22.33 -6.01
C LYS A 118 8.90 -21.81 -6.72
N ALA A 119 8.94 -20.59 -7.23
CA ALA A 119 7.80 -20.12 -7.99
C ALA A 119 8.32 -19.45 -9.26
N PRO A 120 8.88 -20.24 -10.19
CA PRO A 120 9.47 -19.71 -11.44
C PRO A 120 8.45 -18.98 -12.33
N LEU A 121 7.21 -19.46 -12.29
CA LEU A 121 6.12 -18.68 -12.91
C LEU A 121 6.02 -17.19 -12.47
N LYS A 122 5.94 -16.98 -11.16
CA LYS A 122 5.95 -15.61 -10.65
C LYS A 122 7.24 -14.96 -11.05
N ALA A 123 8.36 -15.68 -10.88
CA ALA A 123 9.65 -15.13 -11.20
C ALA A 123 9.67 -14.63 -12.63
N LYS A 124 9.18 -15.49 -13.53
CA LYS A 124 9.07 -15.16 -14.95
C LYS A 124 8.31 -13.81 -15.16
N GLU A 125 7.11 -13.70 -14.58
CA GLU A 125 6.37 -12.42 -14.66
C GLU A 125 7.13 -11.15 -14.18
N CYS A 126 7.86 -11.27 -13.10
CA CYS A 126 8.71 -10.17 -12.61
C CYS A 126 9.70 -9.67 -13.63
N PHE A 127 10.49 -10.60 -14.13
CA PHE A 127 11.54 -10.25 -15.12
C PHE A 127 10.90 -9.74 -16.44
N GLU A 128 9.81 -10.35 -16.87
CA GLU A 128 9.09 -9.76 -17.97
C GLU A 128 8.62 -8.30 -17.71
N LEU A 129 7.95 -8.03 -16.58
CA LEU A 129 7.64 -6.63 -16.17
C LEU A 129 8.84 -5.67 -16.22
N VAL A 130 9.98 -6.06 -15.64
CA VAL A 130 11.18 -5.25 -15.73
C VAL A 130 11.53 -4.97 -17.21
N ILE A 131 11.44 -6.02 -18.03
CA ILE A 131 11.73 -5.88 -19.44
C ILE A 131 10.76 -4.90 -20.12
N GLN A 132 9.43 -5.01 -19.90
CA GLN A 132 8.55 -3.99 -20.51
C GLN A 132 8.74 -2.63 -19.95
N HIS A 133 8.98 -2.49 -18.66
CA HIS A 133 8.90 -1.16 -18.09
C HIS A 133 10.22 -0.52 -17.71
N SER A 134 11.26 -1.30 -17.48
CA SER A 134 12.51 -0.62 -17.11
C SER A 134 13.10 0.22 -18.27
N ASN A 135 13.72 1.33 -17.93
CA ASN A 135 14.58 1.97 -18.92
C ASN A 135 16.02 1.84 -18.49
N ASP A 136 16.27 1.02 -17.44
CA ASP A 136 17.64 0.69 -17.02
C ASP A 136 18.24 -0.44 -17.90
N GLU A 137 19.16 -0.05 -18.77
CA GLU A 137 19.78 -0.95 -19.76
C GLU A 137 20.34 -2.22 -19.08
N LYS A 138 21.26 -2.01 -18.12
CA LYS A 138 21.90 -3.06 -17.35
C LYS A 138 20.87 -3.97 -16.69
N LEU A 139 19.80 -3.40 -16.16
CA LEU A 139 18.83 -4.15 -15.42
C LEU A 139 18.02 -4.99 -16.38
N LYS A 140 17.70 -4.41 -17.54
CA LYS A 140 17.04 -5.17 -18.58
C LYS A 140 17.85 -6.40 -19.08
N ILE A 141 19.15 -6.27 -19.15
CA ILE A 141 20.03 -7.36 -19.55
C ILE A 141 19.96 -8.49 -18.59
N LYS A 142 20.22 -8.15 -17.32
CA LYS A 142 20.13 -9.10 -16.23
C LYS A 142 18.80 -9.78 -16.29
N ALA A 143 17.74 -8.99 -16.53
CA ALA A 143 16.40 -9.49 -16.38
C ALA A 143 16.07 -10.46 -17.55
N GLN A 144 16.44 -10.09 -18.78
CA GLN A 144 16.34 -11.10 -19.89
C GLN A 144 17.18 -12.37 -19.69
N SER A 145 18.32 -12.21 -19.02
CA SER A 145 19.19 -13.33 -18.75
C SER A 145 18.52 -14.34 -17.85
N TYR A 146 17.93 -13.82 -16.74
CA TYR A 146 17.16 -14.71 -15.85
C TYR A 146 16.04 -15.33 -16.60
N LEU A 147 15.33 -14.53 -17.38
CA LEU A 147 14.18 -14.96 -18.11
C LEU A 147 14.54 -16.08 -19.03
N ASP A 148 15.58 -15.84 -19.85
CA ASP A 148 16.03 -16.86 -20.76
C ASP A 148 16.40 -18.17 -20.01
N ALA A 149 17.07 -18.06 -18.88
CA ALA A 149 17.55 -19.21 -18.12
C ALA A 149 16.46 -20.12 -17.54
N ILE A 150 15.27 -19.58 -17.34
CA ILE A 150 14.21 -20.37 -16.73
C ILE A 150 13.12 -20.76 -17.71
N GLN A 151 13.31 -20.43 -18.98
CA GLN A 151 12.31 -20.79 -20.00
C GLN A 151 11.79 -22.25 -19.74
N SER B 10 1.70 15.38 -1.13
CA SER B 10 2.91 14.52 -1.30
C SER B 10 3.57 14.69 -2.66
N ILE B 11 4.83 14.26 -2.70
CA ILE B 11 5.73 14.18 -3.88
C ILE B 11 5.16 14.16 -5.33
N SER B 12 4.94 12.95 -5.90
CA SER B 12 4.62 12.77 -7.34
C SER B 12 3.23 13.29 -7.80
N THR B 13 3.23 14.47 -8.42
CA THR B 13 2.02 14.95 -9.10
C THR B 13 2.12 14.85 -10.65
N ALA B 14 2.46 13.64 -11.11
CA ALA B 14 1.92 13.09 -12.35
C ALA B 14 0.45 12.65 -12.05
N VAL B 15 0.04 12.85 -10.79
CA VAL B 15 -1.33 12.63 -10.34
C VAL B 15 -2.22 13.76 -10.83
N ILE B 16 -1.65 14.97 -11.00
CA ILE B 16 -2.42 16.12 -11.53
C ILE B 16 -2.77 15.96 -13.03
N ASP B 17 -1.89 15.33 -13.80
CA ASP B 17 -2.16 14.95 -15.19
C ASP B 17 -3.25 13.90 -15.34
N ALA B 18 -3.16 12.82 -14.54
CA ALA B 18 -4.20 11.80 -14.52
C ALA B 18 -5.58 12.44 -14.27
N ILE B 19 -5.61 13.40 -13.36
CA ILE B 19 -6.85 14.04 -12.94
C ILE B 19 -7.50 14.74 -14.16
N ASN B 20 -7.03 15.94 -14.54
CA ASN B 20 -7.67 16.71 -15.62
C ASN B 20 -7.91 15.89 -16.92
N SER B 21 -6.92 15.10 -17.33
CA SER B 21 -7.07 14.23 -18.49
C SER B 21 -8.08 13.07 -18.30
N GLY B 22 -8.40 12.72 -17.05
CA GLY B 22 -9.43 11.71 -16.74
C GLY B 22 -8.98 10.26 -16.58
N ALA B 23 -7.79 9.94 -17.08
CA ALA B 23 -7.22 8.58 -16.91
C ALA B 23 -6.77 8.27 -15.47
N THR B 24 -6.43 7.00 -15.25
CA THR B 24 -5.85 6.52 -14.03
C THR B 24 -4.35 6.42 -14.30
N LEU B 25 -3.54 6.56 -13.25
CA LEU B 25 -2.08 6.37 -13.32
C LEU B 25 -1.67 4.98 -13.69
N LYS B 26 -2.54 4.02 -13.41
CA LYS B 26 -2.31 2.65 -13.80
C LYS B 26 -2.22 2.52 -15.31
N ASP B 27 -3.15 3.18 -15.97
CA ASP B 27 -3.24 3.18 -17.43
C ASP B 27 -2.09 4.00 -17.98
N ILE B 28 -2.00 5.26 -17.57
CA ILE B 28 -0.82 6.10 -17.83
C ILE B 28 0.56 5.42 -17.70
N ASN B 29 0.70 4.42 -16.82
CA ASN B 29 1.99 3.78 -16.62
C ASN B 29 1.98 2.33 -17.04
N ALA B 30 0.90 1.89 -17.68
CA ALA B 30 0.86 0.56 -18.29
C ALA B 30 1.07 -0.56 -17.28
N ILE B 31 0.57 -0.38 -16.06
CA ILE B 31 0.67 -1.41 -15.07
C ILE B 31 -0.33 -2.53 -15.36
N PRO B 32 0.18 -3.76 -15.53
CA PRO B 32 -0.68 -4.92 -15.73
C PRO B 32 -1.69 -5.13 -14.60
N ASP B 33 -2.91 -5.49 -14.99
CA ASP B 33 -3.93 -5.92 -14.06
C ASP B 33 -3.49 -6.99 -13.07
N ASP B 34 -2.68 -7.92 -13.55
CA ASP B 34 -2.19 -8.98 -12.72
C ASP B 34 -1.27 -8.37 -11.67
N MET B 35 -0.55 -7.29 -12.01
CA MET B 35 0.29 -6.63 -11.03
C MET B 35 -0.54 -5.93 -9.89
N MET B 36 -1.43 -5.00 -10.26
CA MET B 36 -2.49 -4.43 -9.38
C MET B 36 -3.16 -5.51 -8.50
N ASP B 37 -3.64 -6.61 -9.10
CA ASP B 37 -4.23 -7.74 -8.28
C ASP B 37 -3.24 -8.29 -7.22
N ASP B 38 -1.96 -8.37 -7.56
CA ASP B 38 -0.99 -8.91 -6.62
C ASP B 38 -0.70 -7.89 -5.48
N ILE B 39 -0.74 -6.62 -5.81
CA ILE B 39 -0.51 -5.60 -4.80
C ILE B 39 -1.76 -5.61 -3.92
N TYR B 40 -2.93 -5.81 -4.55
CA TYR B 40 -4.18 -5.95 -3.78
C TYR B 40 -4.14 -7.11 -2.78
N SER B 41 -3.75 -8.30 -3.24
CA SER B 41 -3.57 -9.47 -2.36
C SER B 41 -2.61 -9.21 -1.21
N TYR B 42 -1.50 -8.53 -1.48
CA TYR B 42 -0.56 -8.08 -0.41
C TYR B 42 -1.29 -7.16 0.57
N ALA B 43 -2.12 -6.30 0.00
CA ALA B 43 -2.78 -5.26 0.82
C ALA B 43 -3.83 -5.99 1.72
N TYR B 44 -4.61 -6.86 1.11
CA TYR B 44 -5.54 -7.70 1.80
C TYR B 44 -4.93 -8.58 2.92
N ASP B 45 -3.89 -9.34 2.58
CA ASP B 45 -3.22 -10.20 3.56
C ASP B 45 -2.59 -9.46 4.68
N PHE B 46 -1.87 -8.39 4.37
CA PHE B 46 -1.26 -7.63 5.46
C PHE B 46 -2.33 -7.04 6.45
N TYR B 47 -3.43 -6.62 5.83
CA TYR B 47 -4.51 -6.04 6.56
C TYR B 47 -5.11 -7.11 7.52
N ASN B 48 -5.53 -8.24 6.95
CA ASN B 48 -6.10 -9.32 7.78
C ASN B 48 -5.12 -9.83 8.80
N LYS B 49 -3.85 -9.55 8.60
CA LYS B 49 -2.83 -10.07 9.47
C LYS B 49 -2.50 -9.02 10.54
N GLY B 50 -3.10 -7.84 10.45
CA GLY B 50 -2.89 -6.74 11.43
C GLY B 50 -1.65 -5.92 11.20
N ARG B 51 -1.03 -6.13 10.03
CA ARG B 51 0.17 -5.46 9.65
C ARG B 51 -0.26 -4.20 8.95
N ILE B 52 -0.76 -3.26 9.75
CA ILE B 52 -1.52 -2.14 9.22
C ILE B 52 -0.64 -1.12 8.49
N GLU B 53 0.61 -0.95 8.88
CA GLU B 53 1.56 0.02 8.26
C GLU B 53 1.90 -0.38 6.85
N GLU B 54 2.15 -1.66 6.66
CA GLU B 54 2.36 -2.13 5.29
C GLU B 54 1.08 -2.09 4.45
N ALA B 55 -0.02 -2.47 5.07
CA ALA B 55 -1.19 -2.55 4.30
C ALA B 55 -1.52 -1.15 3.83
N GLU B 56 -1.29 -0.16 4.67
CA GLU B 56 -1.59 1.20 4.29
C GLU B 56 -0.73 1.63 3.06
N VAL B 57 0.59 1.34 3.11
CA VAL B 57 1.43 1.58 1.92
C VAL B 57 0.89 1.03 0.66
N PHE B 58 0.41 -0.22 0.69
CA PHE B 58 -0.20 -0.82 -0.49
C PHE B 58 -1.51 -0.19 -0.90
N PHE B 59 -2.40 0.04 0.06
CA PHE B 59 -3.72 0.54 -0.32
C PHE B 59 -3.60 1.95 -0.86
N ARG B 60 -2.71 2.70 -0.27
CA ARG B 60 -2.37 4.00 -0.80
C ARG B 60 -1.85 4.00 -2.23
N PHE B 61 -0.92 3.09 -2.49
CA PHE B 61 -0.47 2.95 -3.84
C PHE B 61 -1.63 2.63 -4.76
N LEU B 62 -2.40 1.58 -4.42
CA LEU B 62 -3.51 1.17 -5.26
C LEU B 62 -4.54 2.30 -5.49
N CYS B 63 -4.80 3.10 -4.46
CA CYS B 63 -5.79 4.21 -4.62
C CYS B 63 -5.24 5.30 -5.49
N ILE B 64 -3.93 5.52 -5.43
CA ILE B 64 -3.26 6.55 -6.26
C ILE B 64 -3.26 6.11 -7.70
N TYR B 65 -3.09 4.83 -7.96
CA TYR B 65 -2.92 4.32 -9.28
C TYR B 65 -4.22 4.05 -9.94
N ASP B 66 -5.27 3.97 -9.11
CA ASP B 66 -6.58 3.76 -9.66
C ASP B 66 -7.69 4.37 -8.76
N PHE B 67 -7.82 5.69 -8.78
CA PHE B 67 -8.85 6.25 -7.92
C PHE B 67 -10.26 5.79 -8.15
N TYR B 68 -10.53 4.92 -9.11
CA TYR B 68 -11.92 4.55 -9.34
C TYR B 68 -12.26 3.17 -8.87
N ASN B 69 -11.29 2.52 -8.23
CA ASN B 69 -11.51 1.20 -7.77
C ASN B 69 -12.11 1.17 -6.34
N VAL B 70 -13.38 0.77 -6.25
CA VAL B 70 -14.16 0.81 -5.04
C VAL B 70 -13.47 -0.02 -3.95
N ASP B 71 -12.92 -1.17 -4.37
CA ASP B 71 -12.24 -2.06 -3.43
C ASP B 71 -10.92 -1.44 -2.86
N TYR B 72 -10.28 -0.63 -3.67
CA TYR B 72 -9.08 0.03 -3.19
C TYR B 72 -9.47 1.11 -2.20
N ILE B 73 -10.50 1.87 -2.59
CA ILE B 73 -11.00 2.99 -1.74
C ILE B 73 -11.48 2.41 -0.41
N MET B 74 -12.18 1.27 -0.44
CA MET B 74 -12.65 0.62 0.81
C MET B 74 -11.52 0.20 1.72
N GLY B 75 -10.47 -0.37 1.12
CA GLY B 75 -9.33 -0.80 1.88
C GLY B 75 -8.68 0.37 2.57
N LEU B 76 -8.45 1.45 1.85
CA LEU B 76 -7.73 2.54 2.46
C LEU B 76 -8.64 3.14 3.58
N ALA B 77 -9.93 3.30 3.29
CA ALA B 77 -10.85 3.86 4.28
C ALA B 77 -10.92 2.91 5.52
N ALA B 78 -10.84 1.59 5.30
CA ALA B 78 -10.85 0.70 6.49
C ALA B 78 -9.62 0.96 7.34
N ILE B 79 -8.47 1.10 6.66
CA ILE B 79 -7.21 1.40 7.38
C ILE B 79 -7.34 2.70 8.18
N TYR B 80 -7.80 3.77 7.56
CA TYR B 80 -7.99 5.01 8.30
C TYR B 80 -9.00 4.86 9.49
N GLN B 81 -10.04 4.00 9.31
CA GLN B 81 -10.98 3.77 10.39
C GLN B 81 -10.24 3.13 11.62
N ILE B 82 -9.51 2.04 11.36
CA ILE B 82 -8.70 1.32 12.32
C ILE B 82 -7.70 2.26 13.00
N LYS B 83 -7.22 3.26 12.28
CA LYS B 83 -6.19 4.12 12.84
C LYS B 83 -6.84 5.30 13.48
N GLU B 84 -8.15 5.28 13.48
CA GLU B 84 -8.91 6.35 14.12
C GLU B 84 -8.78 7.66 13.36
N GLN B 85 -8.52 7.60 12.05
CA GLN B 85 -8.53 8.79 11.31
C GLN B 85 -9.90 8.84 10.71
N PHE B 86 -10.87 9.23 11.53
CA PHE B 86 -12.24 9.00 11.20
C PHE B 86 -12.76 9.90 10.12
N GLN B 87 -12.22 11.12 10.05
CA GLN B 87 -12.57 12.14 9.02
C GLN B 87 -12.12 11.65 7.63
N GLN B 88 -10.84 11.29 7.51
CA GLN B 88 -10.33 10.67 6.25
C GLN B 88 -11.07 9.41 5.89
N ALA B 89 -11.43 8.53 6.88
CA ALA B 89 -12.18 7.32 6.56
C ALA B 89 -13.57 7.67 5.98
N ALA B 90 -14.24 8.61 6.65
CA ALA B 90 -15.56 9.02 6.20
C ALA B 90 -15.49 9.68 4.81
N ASP B 91 -14.50 10.52 4.57
CA ASP B 91 -14.34 11.08 3.20
C ASP B 91 -14.13 10.00 2.11
N LEU B 92 -13.32 8.99 2.40
CA LEU B 92 -13.18 7.91 1.46
C LEU B 92 -14.41 7.03 1.32
N TYR B 93 -15.12 6.81 2.43
CA TYR B 93 -16.32 6.02 2.31
C TYR B 93 -17.34 6.76 1.44
N ALA B 94 -17.28 8.10 1.47
CA ALA B 94 -18.30 8.87 0.73
C ALA B 94 -17.98 8.64 -0.78
N VAL B 95 -16.69 8.61 -1.11
CA VAL B 95 -16.26 8.33 -2.48
C VAL B 95 -16.61 6.89 -2.87
N ALA B 96 -16.38 5.92 -1.97
CA ALA B 96 -16.63 4.53 -2.34
C ALA B 96 -18.13 4.37 -2.58
N PHE B 97 -18.95 5.08 -1.80
CA PHE B 97 -20.37 4.96 -1.98
C PHE B 97 -20.78 5.55 -3.35
N ALA B 98 -20.22 6.71 -3.70
CA ALA B 98 -20.52 7.32 -5.00
C ALA B 98 -20.13 6.31 -6.12
N LEU B 99 -18.97 5.67 -6.00
CA LEU B 99 -18.58 4.69 -7.00
C LEU B 99 -19.49 3.46 -7.01
N GLY B 100 -19.66 2.75 -5.88
CA GLY B 100 -20.30 1.45 -5.95
C GLY B 100 -21.78 1.67 -6.13
N LYS B 101 -22.12 2.95 -6.01
CA LYS B 101 -23.44 3.55 -5.63
C LYS B 101 -24.75 2.77 -5.17
N ASN B 102 -24.62 1.49 -4.84
CA ASN B 102 -25.70 0.76 -4.14
C ASN B 102 -25.23 -0.28 -3.12
N ASP B 103 -23.94 -0.36 -2.86
CA ASP B 103 -23.50 -1.09 -1.71
C ASP B 103 -23.66 -0.16 -0.46
N TYR B 104 -24.34 -0.62 0.59
CA TYR B 104 -24.47 0.25 1.78
C TYR B 104 -23.41 0.04 2.87
N THR B 105 -22.47 -0.85 2.65
CA THR B 105 -21.37 -1.02 3.58
C THR B 105 -20.60 0.28 3.87
N PRO B 106 -20.20 1.05 2.83
CA PRO B 106 -19.58 2.36 3.18
C PRO B 106 -20.46 3.30 3.96
N VAL B 107 -21.78 3.18 3.83
CA VAL B 107 -22.69 4.06 4.52
C VAL B 107 -22.77 3.61 6.00
N PHE B 108 -22.82 2.31 6.19
CA PHE B 108 -22.75 1.79 7.54
C PHE B 108 -21.45 2.21 8.24
N HIS B 109 -20.31 2.03 7.59
CA HIS B 109 -19.08 2.32 8.28
C HIS B 109 -18.93 3.80 8.45
N THR B 110 -19.52 4.58 7.55
CA THR B 110 -19.57 6.05 7.78
C THR B 110 -20.32 6.38 9.10
N GLY B 111 -21.44 5.68 9.34
CA GLY B 111 -22.25 5.84 10.59
C GLY B 111 -21.32 5.56 11.76
N GLN B 112 -20.46 4.56 11.64
CA GLN B 112 -19.57 4.28 12.77
C GLN B 112 -18.61 5.44 12.96
N CYS B 113 -18.12 6.05 11.86
CA CYS B 113 -17.15 7.13 11.93
C CYS B 113 -17.80 8.39 12.53
N GLN B 114 -19.03 8.71 12.07
CA GLN B 114 -19.77 9.87 12.50
C GLN B 114 -19.99 9.83 14.00
N LEU B 115 -20.24 8.65 14.53
CA LEU B 115 -20.41 8.44 15.97
C LEU B 115 -19.15 8.82 16.66
N ARG B 116 -18.01 8.32 16.18
CA ARG B 116 -16.73 8.75 16.78
C ARG B 116 -16.41 10.21 16.47
N LEU B 117 -17.05 10.86 15.49
CA LEU B 117 -16.71 12.28 15.24
C LEU B 117 -17.64 13.18 16.01
N LYS B 118 -18.37 12.60 16.96
CA LYS B 118 -19.32 13.34 17.82
C LYS B 118 -20.48 13.88 16.99
N ALA B 119 -20.93 13.08 15.99
CA ALA B 119 -22.08 13.52 15.17
C ALA B 119 -23.13 12.41 15.12
N PRO B 120 -23.82 12.16 16.27
CA PRO B 120 -24.76 11.04 16.42
C PRO B 120 -25.94 11.17 15.56
N LEU B 121 -26.31 12.37 15.20
CA LEU B 121 -27.48 12.57 14.27
C LEU B 121 -27.16 12.13 12.82
N LYS B 122 -26.03 12.60 12.28
CA LYS B 122 -25.56 12.08 11.00
C LYS B 122 -25.28 10.58 11.13
N ALA B 123 -24.72 10.10 12.27
CA ALA B 123 -24.57 8.62 12.40
C ALA B 123 -25.92 7.90 12.30
N LYS B 124 -26.92 8.41 13.01
CA LYS B 124 -28.27 7.89 12.90
C LYS B 124 -28.80 7.94 11.46
N GLU B 125 -28.63 9.04 10.75
CA GLU B 125 -29.17 8.98 9.39
C GLU B 125 -28.43 7.98 8.44
N CYS B 126 -27.13 7.82 8.64
CA CYS B 126 -26.43 6.74 7.95
C CYS B 126 -27.06 5.42 8.22
N PHE B 127 -27.24 5.10 9.49
CA PHE B 127 -27.78 3.75 9.83
C PHE B 127 -29.21 3.56 9.30
N GLU B 128 -29.99 4.61 9.38
CA GLU B 128 -31.36 4.59 8.81
C GLU B 128 -31.30 4.35 7.28
N LEU B 129 -30.37 5.03 6.65
CA LEU B 129 -30.22 4.84 5.22
C LEU B 129 -29.87 3.39 4.88
N VAL B 130 -29.07 2.75 5.74
CA VAL B 130 -28.73 1.38 5.56
C VAL B 130 -30.04 0.54 5.63
N ILE B 131 -30.79 0.73 6.70
CA ILE B 131 -32.00 -0.10 6.94
C ILE B 131 -32.99 0.15 5.81
N GLN B 132 -33.07 1.37 5.33
CA GLN B 132 -34.07 1.76 4.37
C GLN B 132 -33.77 1.18 3.01
N HIS B 133 -32.50 1.00 2.66
CA HIS B 133 -32.09 0.55 1.33
C HIS B 133 -31.22 -0.72 1.22
N SER B 134 -30.36 -1.03 2.19
CA SER B 134 -29.53 -2.22 2.06
C SER B 134 -30.42 -3.48 1.89
N ASN B 135 -29.88 -4.50 1.23
CA ASN B 135 -30.52 -5.80 1.12
C ASN B 135 -29.67 -6.80 1.80
N ASP B 136 -28.65 -6.27 2.46
CA ASP B 136 -27.76 -7.09 3.20
C ASP B 136 -28.31 -7.27 4.63
N GLU B 137 -28.53 -8.51 5.04
CA GLU B 137 -29.20 -8.74 6.29
C GLU B 137 -28.29 -8.49 7.43
N LYS B 138 -27.10 -9.04 7.36
CA LYS B 138 -26.16 -8.88 8.46
C LYS B 138 -25.74 -7.42 8.65
N LEU B 139 -25.83 -6.64 7.60
CA LEU B 139 -25.47 -5.26 7.72
C LEU B 139 -26.64 -4.55 8.42
N LYS B 140 -27.86 -4.81 7.97
CA LYS B 140 -29.06 -4.23 8.57
C LYS B 140 -29.14 -4.54 10.09
N ILE B 141 -28.74 -5.75 10.48
CA ILE B 141 -28.80 -6.15 11.86
C ILE B 141 -27.91 -5.24 12.66
N LYS B 142 -26.70 -4.98 12.18
CA LYS B 142 -25.91 -4.08 13.00
C LYS B 142 -26.36 -2.65 12.91
N ALA B 143 -26.87 -2.23 11.76
CA ALA B 143 -27.29 -0.91 11.64
C ALA B 143 -28.41 -0.73 12.69
N GLN B 144 -29.34 -1.70 12.73
CA GLN B 144 -30.53 -1.61 13.62
C GLN B 144 -30.07 -1.66 15.03
N SER B 145 -29.03 -2.47 15.35
CA SER B 145 -28.49 -2.37 16.75
C SER B 145 -27.93 -1.00 17.10
N TYR B 146 -27.20 -0.35 16.18
CA TYR B 146 -26.61 0.92 16.53
C TYR B 146 -27.74 1.88 16.70
N LEU B 147 -28.78 1.77 15.86
CA LEU B 147 -29.93 2.70 15.92
C LEU B 147 -30.70 2.59 17.23
N ASP B 148 -30.88 1.34 17.68
CA ASP B 148 -31.44 1.15 18.99
C ASP B 148 -30.57 1.69 20.08
N ALA B 149 -29.26 1.66 19.95
CA ALA B 149 -28.42 2.03 21.06
C ALA B 149 -28.33 3.55 21.12
N ILE B 150 -28.66 4.22 20.02
CA ILE B 150 -28.51 5.69 19.96
C ILE B 150 -29.76 6.40 20.49
N GLN B 151 -29.66 7.08 21.60
CA GLN B 151 -30.86 7.65 22.14
C GLN B 151 -30.69 9.15 22.47
N SER C 10 -14.09 -11.57 16.41
CA SER C 10 -14.54 -11.04 15.07
C SER C 10 -15.29 -9.68 15.20
N ASN C 11 -14.53 -8.61 14.96
CA ASN C 11 -14.76 -7.29 15.48
C ASN C 11 -15.54 -6.44 14.46
N ILE C 12 -16.55 -5.63 14.88
CA ILE C 12 -17.39 -4.84 13.96
C ILE C 12 -16.70 -3.53 13.49
N LEU C 13 -15.69 -3.13 14.29
CA LEU C 13 -14.82 -1.94 14.12
C LEU C 13 -13.61 -2.24 13.18
N ILE C 14 -13.56 -3.47 12.64
CA ILE C 14 -12.56 -3.86 11.66
C ILE C 14 -13.39 -4.16 10.43
N PRO C 15 -13.42 -3.25 9.42
CA PRO C 15 -14.18 -3.64 8.22
C PRO C 15 -13.64 -4.94 7.57
N GLU C 16 -14.45 -5.56 6.75
CA GLU C 16 -14.10 -6.81 6.16
C GLU C 16 -14.03 -6.46 4.71
N LEU C 17 -12.89 -6.75 4.10
CA LEU C 17 -12.60 -6.23 2.75
C LEU C 17 -12.93 -7.32 1.73
N LYS C 18 -13.30 -6.92 0.51
CA LYS C 18 -13.48 -7.84 -0.58
C LYS C 18 -12.24 -8.74 -0.75
N ALA C 19 -12.45 -10.05 -0.79
CA ALA C 19 -11.32 -10.98 -0.93
C ALA C 19 -10.70 -10.80 -2.33
N PRO C 20 -9.36 -10.97 -2.47
CA PRO C 20 -8.76 -10.74 -3.81
C PRO C 20 -9.35 -11.75 -4.82
N LYS C 21 -9.58 -11.33 -6.08
CA LYS C 21 -10.20 -12.26 -7.04
C LYS C 21 -9.52 -13.65 -7.00
N SER C 22 -10.25 -14.59 -6.40
CA SER C 22 -9.84 -15.98 -6.11
C SER C 22 -9.39 -16.75 -7.35
N LEU D 13 23.81 -12.57 -7.06
CA LEU D 13 24.21 -12.84 -5.64
C LEU D 13 23.81 -11.69 -4.64
N ILE D 14 24.72 -10.76 -4.34
CA ILE D 14 24.49 -9.65 -3.37
C ILE D 14 23.86 -8.34 -4.02
N PRO D 15 22.59 -7.96 -3.66
CA PRO D 15 22.02 -6.71 -4.19
C PRO D 15 22.86 -5.47 -3.91
N GLU D 16 22.68 -4.46 -4.74
CA GLU D 16 23.56 -3.29 -4.75
C GLU D 16 22.78 -2.12 -4.19
N LEU D 17 23.20 -1.58 -3.05
CA LEU D 17 22.46 -0.52 -2.35
C LEU D 17 22.75 0.83 -2.96
N LYS D 18 21.79 1.75 -2.88
CA LYS D 18 22.01 3.12 -3.30
C LYS D 18 23.09 3.64 -2.39
N ALA D 19 24.04 4.38 -2.95
CA ALA D 19 25.15 4.90 -2.16
C ALA D 19 24.69 6.08 -1.30
N PRO D 20 25.29 6.24 -0.08
CA PRO D 20 24.87 7.33 0.79
C PRO D 20 25.11 8.71 0.17
N LYS D 21 24.73 9.73 0.94
CA LYS D 21 24.87 11.17 0.62
C LYS D 21 23.55 11.73 0.04
N SER D 22 22.46 11.56 0.81
CA SER D 22 21.08 12.10 0.57
C SER D 22 20.43 12.04 -0.84
C1 GOL E . 20.51 7.91 1.04
O1 GOL E . 21.41 8.92 1.39
C2 GOL E . 19.12 8.51 1.25
O2 GOL E . 18.13 7.71 0.67
C3 GOL E . 18.75 8.72 2.72
O3 GOL E . 17.36 9.06 2.68
C1 GOL F . 19.66 -14.12 -4.65
O1 GOL F . 20.40 -13.35 -3.72
C2 GOL F . 20.43 -14.08 -5.96
O2 GOL F . 21.80 -14.37 -5.79
C3 GOL F . 19.84 -15.10 -6.92
O3 GOL F . 18.41 -15.13 -6.90
C1 GOL G . -9.60 -6.97 -5.92
O1 GOL G . -9.89 -8.36 -5.81
C2 GOL G . -10.76 -6.39 -6.69
O2 GOL G . -11.91 -6.41 -5.91
C3 GOL G . -10.53 -4.98 -7.21
O3 GOL G . -9.48 -5.07 -8.13
#